data_4LCR
#
_entry.id   4LCR
#
_cell.length_a   161.204
_cell.length_b   161.204
_cell.length_c   93.803
_cell.angle_alpha   90.00
_cell.angle_beta   90.00
_cell.angle_gamma   90.00
#
_symmetry.space_group_name_H-M   'I 41 2 2'
#
loop_
_entity.id
_entity.type
_entity.pdbx_description
1 polymer 'Chromosome 8 SCAF14545, whole genome shotgun sequence'
2 non-polymer N-(AMINOCARBONYL)-BETA-ALANINE
3 non-polymer 'ZINC ION'
4 water water
#
_entity_poly.entity_id   1
_entity_poly.type   'polypeptide(L)'
_entity_poly.pdbx_seq_one_letter_code
;GSAGSGTIDDDDKSPGARGSMAEAGEILIKGGKVVNEDCSFFSDVHIRGGKIVEVGPDLRVPPGARVIDATDRLVIPGGI
DTHTHMELAFMGTRAVDDFHIGTKAALAGGTTMILDFVMTQKGQSLLEAYDLWRKTADPKVCCDYSLHVAVTWWSDEVKD
EMRTLAQERGVNSF(KCX)MFMAYKGLFMLRDDELYAVFSHCKEVGAIAQVHAENGDLIAEGAKKMLSLGITGPEGHELC
RPEAVEAEATQRAITIASAVNCPLYVVHVMSKSAADVVSKARKDGRVVFGEPIAASLGTDGTNYWHKDWAHAAQYVMGPP
LRPDPSTPGYLMDLLANDDLTLTGTDNCTFSRCQKALGKDDFTRIPNGVNGVEDRMSVIWEKGVHSGKMDENRFVAVTSS
NAAKIFNFYPQKGRIAKDSDADVVIWDPKTTRKISAQTHHQAVDYNIFEGMECHGVPVVTVSRGRVVYEEGRLKVSPGQG
RFIHRQPFSEFVYKRIRQRDEVGKPAVVIREPYAGEVVALGTSD
;
_entity_poly.pdbx_strand_id   A
#
loop_
_chem_comp.id
_chem_comp.type
_chem_comp.name
_chem_comp.formula
URP non-polymer N-(AMINOCARBONYL)-BETA-ALANINE 'C4 H8 N2 O3'
ZN non-polymer 'ZINC ION' 'Zn 2'
#
# COMPACT_ATOMS: atom_id res chain seq x y z
N ALA A 24 -32.75 3.59 -4.95
CA ALA A 24 -31.63 3.34 -5.89
C ALA A 24 -30.36 4.15 -5.49
N GLY A 25 -30.49 5.47 -5.39
CA GLY A 25 -29.31 6.37 -5.50
C GLY A 25 -28.67 6.24 -6.91
N GLU A 26 -29.11 7.07 -7.83
CA GLU A 26 -28.51 7.13 -9.16
C GLU A 26 -27.67 8.35 -9.16
N ILE A 27 -26.49 8.28 -9.76
CA ILE A 27 -25.64 9.46 -9.89
C ILE A 27 -25.24 9.51 -11.33
N LEU A 28 -25.26 10.70 -11.88
CA LEU A 28 -24.64 10.94 -13.15
C LEU A 28 -23.49 11.94 -12.95
N ILE A 29 -22.27 11.54 -13.27
CA ILE A 29 -21.11 12.39 -13.18
C ILE A 29 -20.91 12.95 -14.56
N LYS A 30 -21.18 14.26 -14.69
CA LYS A 30 -21.26 14.85 -16.03
C LYS A 30 -20.20 15.90 -16.34
N GLY A 31 -19.74 15.88 -17.57
CA GLY A 31 -18.90 16.99 -18.02
C GLY A 31 -17.40 16.77 -17.79
N GLY A 32 -17.02 15.66 -17.13
CA GLY A 32 -15.60 15.50 -16.77
C GLY A 32 -14.80 14.68 -17.81
N LYS A 33 -13.50 14.57 -17.56
CA LYS A 33 -12.65 13.73 -18.44
C LYS A 33 -12.29 12.47 -17.65
N VAL A 34 -12.67 11.33 -18.21
CA VAL A 34 -12.40 10.02 -17.56
C VAL A 34 -10.89 9.72 -17.84
N VAL A 35 -10.23 9.27 -16.82
CA VAL A 35 -8.81 8.87 -16.85
C VAL A 35 -8.69 7.44 -16.36
N ASN A 36 -8.36 6.53 -17.31
CA ASN A 36 -8.01 5.18 -16.96
C ASN A 36 -6.53 4.97 -17.14
N GLU A 37 -6.07 3.79 -16.76
CA GLU A 37 -4.63 3.44 -16.95
C GLU A 37 -4.21 3.52 -18.45
N ASP A 38 -5.09 3.15 -19.38
CA ASP A 38 -4.66 3.16 -20.76
C ASP A 38 -4.77 4.51 -21.46
N CYS A 39 -5.90 5.21 -21.27
CA CYS A 39 -6.06 6.51 -21.93
C CYS A 39 -7.13 7.34 -21.22
N SER A 40 -7.28 8.58 -21.66
CA SER A 40 -8.21 9.55 -21.03
C SER A 40 -9.19 9.97 -22.12
N PHE A 41 -10.45 10.28 -21.78
CA PHE A 41 -11.44 10.66 -22.83
C PHE A 41 -12.57 11.33 -22.10
N PHE A 42 -13.18 12.25 -22.81
CA PHE A 42 -14.38 12.95 -22.27
C PHE A 42 -15.58 12.02 -22.29
N SER A 43 -16.29 11.89 -21.17
CA SER A 43 -17.51 11.06 -21.13
C SER A 43 -18.17 11.32 -19.81
N ASP A 44 -19.48 11.09 -19.77
CA ASP A 44 -20.17 11.09 -18.48
C ASP A 44 -20.15 9.68 -17.96
N VAL A 45 -20.40 9.56 -16.70
CA VAL A 45 -20.43 8.23 -16.06
C VAL A 45 -21.75 8.12 -15.25
N HIS A 46 -22.52 7.10 -15.60
CA HIS A 46 -23.80 6.83 -14.98
C HIS A 46 -23.62 5.74 -13.93
N ILE A 47 -23.98 6.07 -12.69
CA ILE A 47 -23.80 5.17 -11.56
C ILE A 47 -25.20 4.79 -11.05
N ARG A 48 -25.43 3.48 -10.91
CA ARG A 48 -26.72 3.02 -10.34
C ARG A 48 -26.44 1.83 -9.45
N GLY A 49 -27.00 1.81 -8.26
CA GLY A 49 -26.86 0.60 -7.42
C GLY A 49 -25.42 0.15 -7.14
N GLY A 50 -24.53 1.09 -6.82
CA GLY A 50 -23.15 0.61 -6.50
C GLY A 50 -22.20 0.33 -7.69
N LYS A 51 -22.70 0.41 -8.92
CA LYS A 51 -21.96 0.07 -10.10
C LYS A 51 -21.95 1.22 -11.05
N ILE A 52 -20.95 1.25 -11.91
CA ILE A 52 -20.98 2.08 -13.09
C ILE A 52 -21.78 1.29 -14.13
N VAL A 53 -22.90 1.85 -14.63
CA VAL A 53 -23.72 1.12 -15.56
C VAL A 53 -23.63 1.70 -16.96
N GLU A 54 -23.02 2.89 -17.13
CA GLU A 54 -22.78 3.34 -18.50
C GLU A 54 -21.71 4.38 -18.46
N VAL A 55 -20.87 4.39 -19.50
CA VAL A 55 -19.88 5.46 -19.70
C VAL A 55 -20.00 5.93 -21.13
N GLY A 56 -20.20 7.23 -21.35
CA GLY A 56 -20.31 7.69 -22.74
C GLY A 56 -20.61 9.18 -22.73
N PRO A 57 -20.53 9.83 -23.91
CA PRO A 57 -20.82 11.25 -23.99
C PRO A 57 -22.32 11.57 -23.83
N ASP A 58 -22.58 12.72 -23.21
CA ASP A 58 -23.90 13.32 -23.13
C ASP A 58 -24.99 12.36 -22.67
N LEU A 59 -24.84 11.79 -21.49
CA LEU A 59 -25.81 10.77 -21.08
C LEU A 59 -27.01 11.52 -20.51
N ARG A 60 -28.19 10.91 -20.65
CA ARG A 60 -29.46 11.52 -20.15
C ARG A 60 -29.51 11.49 -18.66
N VAL A 61 -29.98 12.57 -18.01
CA VAL A 61 -30.11 12.47 -16.56
C VAL A 61 -31.45 11.80 -16.23
N PRO A 62 -31.46 10.56 -15.69
CA PRO A 62 -32.78 9.92 -15.38
C PRO A 62 -33.45 10.68 -14.22
N PRO A 63 -34.80 10.84 -14.26
CA PRO A 63 -35.51 11.54 -13.19
C PRO A 63 -35.11 11.09 -11.79
N GLY A 64 -34.73 12.01 -10.92
CA GLY A 64 -34.39 11.55 -9.54
C GLY A 64 -32.89 11.44 -9.32
N ALA A 65 -32.09 11.38 -10.38
CA ALA A 65 -30.64 11.07 -10.24
C ALA A 65 -29.97 12.35 -9.84
N ARG A 66 -28.99 12.25 -8.97
CA ARG A 66 -28.18 13.40 -8.63
C ARG A 66 -27.05 13.64 -9.67
N VAL A 67 -26.89 14.85 -10.17
CA VAL A 67 -25.78 15.15 -11.11
C VAL A 67 -24.58 15.73 -10.34
N ILE A 68 -23.40 15.13 -10.46
CA ILE A 68 -22.19 15.77 -9.95
C ILE A 68 -21.52 16.37 -11.20
N ASP A 69 -21.35 17.65 -11.16
CA ASP A 69 -20.80 18.40 -12.29
C ASP A 69 -19.26 18.31 -12.22
N ALA A 70 -18.71 17.58 -13.19
CA ALA A 70 -17.26 17.28 -13.19
C ALA A 70 -16.59 18.13 -14.27
N THR A 71 -17.28 19.16 -14.78
CA THR A 71 -16.61 20.13 -15.65
C THR A 71 -15.25 20.60 -15.10
N ASP A 72 -14.22 20.53 -15.94
CA ASP A 72 -12.81 20.87 -15.50
C ASP A 72 -12.22 19.97 -14.46
N ARG A 73 -12.73 18.74 -14.38
CA ARG A 73 -12.19 17.84 -13.43
C ARG A 73 -11.88 16.52 -14.14
N LEU A 74 -11.01 15.73 -13.52
CA LEU A 74 -10.75 14.39 -14.02
C LEU A 74 -11.64 13.48 -13.21
N VAL A 75 -12.09 12.43 -13.89
CA VAL A 75 -12.93 11.40 -13.22
C VAL A 75 -12.10 10.11 -13.20
N ILE A 76 -11.62 9.73 -12.02
CA ILE A 76 -10.64 8.66 -11.97
C ILE A 76 -11.15 7.59 -11.02
N PRO A 77 -10.57 6.41 -11.13
CA PRO A 77 -10.90 5.33 -10.18
C PRO A 77 -10.41 5.78 -8.82
N GLY A 78 -11.17 5.44 -7.76
CA GLY A 78 -10.71 5.80 -6.44
C GLY A 78 -9.36 5.15 -6.14
N GLY A 79 -8.58 5.78 -5.28
CA GLY A 79 -7.25 5.26 -4.97
C GLY A 79 -7.39 3.96 -4.18
N ILE A 80 -6.43 3.06 -4.38
CA ILE A 80 -6.43 1.79 -3.62
C ILE A 80 -5.12 1.75 -2.85
N ASP A 81 -5.23 1.77 -1.53
CA ASP A 81 -4.00 1.82 -0.72
C ASP A 81 -3.67 0.41 -0.40
N THR A 82 -2.55 -0.08 -0.97
CA THR A 82 -2.23 -1.49 -0.83
C THR A 82 -1.69 -1.85 0.60
N HIS A 83 -1.48 -0.84 1.46
CA HIS A 83 -0.58 -1.04 2.62
C HIS A 83 -0.98 -0.17 3.82
N THR A 84 -1.87 -0.70 4.67
CA THR A 84 -2.24 0.00 5.88
C THR A 84 -2.19 -0.88 7.13
N HIS A 85 -2.06 -0.27 8.29
CA HIS A 85 -2.14 -0.96 9.58
C HIS A 85 -3.10 -0.19 10.48
N MET A 86 -4.39 -0.21 10.21
CA MET A 86 -5.30 0.61 11.02
C MET A 86 -5.44 -0.01 12.43
N GLU A 87 -5.44 0.84 13.44
CA GLU A 87 -5.45 0.44 14.86
C GLU A 87 -4.65 -0.80 15.21
N LEU A 88 -3.43 -0.90 14.69
CA LEU A 88 -2.56 -2.06 14.97
C LEU A 88 -1.96 -1.93 16.38
N ALA A 89 -2.15 -2.95 17.20
CA ALA A 89 -1.37 -3.02 18.52
C ALA A 89 0.07 -3.45 18.20
N PHE A 90 1.03 -2.56 18.40
CA PHE A 90 2.47 -2.72 17.94
C PHE A 90 3.40 -2.00 18.94
N MET A 91 4.59 -2.58 19.17
CA MET A 91 5.53 -1.88 20.05
C MET A 91 4.88 -1.17 21.28
N GLY A 92 4.02 -1.94 21.99
CA GLY A 92 3.45 -1.48 23.25
C GLY A 92 2.11 -0.74 23.24
N THR A 93 1.64 -0.20 22.11
CA THR A 93 0.55 0.79 22.14
C THR A 93 -0.26 0.58 20.83
N ARG A 94 -1.40 1.22 20.58
CA ARG A 94 -1.99 0.94 19.31
C ARG A 94 -2.17 2.16 18.46
N ALA A 95 -2.04 1.99 17.13
CA ALA A 95 -2.08 3.13 16.19
C ALA A 95 -3.35 3.90 16.39
N VAL A 96 -3.30 5.24 16.34
CA VAL A 96 -4.46 6.09 16.61
C VAL A 96 -5.42 6.15 15.48
N ASP A 97 -4.96 6.02 14.22
CA ASP A 97 -5.96 5.94 13.13
C ASP A 97 -6.55 4.56 13.07
N ASP A 98 -7.85 4.44 13.36
CA ASP A 98 -8.49 3.12 13.41
C ASP A 98 -9.23 2.88 12.10
N PHE A 99 -9.98 1.77 12.00
CA PHE A 99 -10.61 1.45 10.71
C PHE A 99 -11.63 2.47 10.35
N HIS A 100 -12.29 3.03 11.38
CA HIS A 100 -13.31 4.05 11.12
C HIS A 100 -12.68 5.36 10.65
N ILE A 101 -11.84 5.97 11.49
CA ILE A 101 -11.20 7.27 11.17
C ILE A 101 -10.26 7.16 9.96
N GLY A 102 -9.50 6.06 9.95
CA GLY A 102 -8.56 5.78 8.84
C GLY A 102 -9.28 5.75 7.50
N THR A 103 -10.44 5.07 7.43
CA THR A 103 -11.12 4.97 6.14
C THR A 103 -11.79 6.27 5.77
N LYS A 104 -12.34 6.97 6.79
CA LYS A 104 -12.82 8.35 6.56
C LYS A 104 -11.71 9.24 6.00
N ALA A 105 -10.50 9.16 6.61
CA ALA A 105 -9.42 10.02 6.16
C ALA A 105 -9.02 9.61 4.74
N ALA A 106 -8.95 8.27 4.50
CA ALA A 106 -8.75 7.80 3.13
C ALA A 106 -9.69 8.47 2.14
N LEU A 107 -10.99 8.43 2.45
CA LEU A 107 -12.00 8.95 1.53
C LEU A 107 -11.83 10.42 1.24
N ALA A 108 -11.50 11.17 2.28
CA ALA A 108 -11.27 12.60 2.17
C ALA A 108 -10.05 12.87 1.29
N GLY A 109 -9.14 11.88 1.16
CA GLY A 109 -7.95 12.08 0.34
C GLY A 109 -8.08 11.46 -1.04
N GLY A 110 -9.25 10.96 -1.37
CA GLY A 110 -9.45 10.37 -2.74
C GLY A 110 -9.14 8.87 -2.80
N THR A 111 -9.00 8.21 -1.63
CA THR A 111 -8.69 6.79 -1.60
C THR A 111 -9.94 6.01 -1.15
N THR A 112 -10.38 5.01 -1.92
CA THR A 112 -11.67 4.39 -1.72
C THR A 112 -11.51 2.93 -1.32
N MET A 113 -10.28 2.44 -1.27
CA MET A 113 -10.09 1.10 -0.69
C MET A 113 -8.74 1.01 0.01
N ILE A 114 -8.66 0.27 1.12
CA ILE A 114 -7.40 0.04 1.74
C ILE A 114 -7.20 -1.49 1.86
N LEU A 115 -5.94 -1.94 1.84
CA LEU A 115 -5.66 -3.34 2.08
C LEU A 115 -4.74 -3.34 3.35
N ASP A 116 -5.25 -3.97 4.38
CA ASP A 116 -4.65 -3.92 5.69
C ASP A 116 -4.05 -5.25 6.04
N PHE A 117 -3.03 -5.23 6.89
CA PHE A 117 -2.30 -6.47 7.21
C PHE A 117 -2.79 -7.10 8.50
N VAL A 118 -3.21 -8.34 8.42
CA VAL A 118 -3.46 -9.16 9.59
C VAL A 118 -2.11 -9.54 10.16
N MET A 119 -1.76 -8.94 11.30
CA MET A 119 -0.41 -9.12 11.88
C MET A 119 -0.41 -10.30 12.83
N THR A 120 -0.43 -11.52 12.31
CA THR A 120 -0.56 -12.67 13.19
C THR A 120 0.66 -12.78 14.09
N GLN A 121 0.44 -13.01 15.37
CA GLN A 121 1.63 -13.18 16.23
C GLN A 121 2.28 -14.57 16.08
N LYS A 122 3.55 -14.68 16.45
CA LYS A 122 4.30 -15.90 16.35
C LYS A 122 3.60 -16.97 17.18
N GLY A 123 3.33 -18.14 16.56
CA GLY A 123 2.64 -19.25 17.26
C GLY A 123 1.13 -19.11 17.23
N GLN A 124 0.58 -18.01 16.74
CA GLN A 124 -0.88 -17.79 16.76
C GLN A 124 -1.51 -18.24 15.42
N SER A 125 -2.69 -18.85 15.50
CA SER A 125 -3.47 -19.23 14.33
C SER A 125 -3.71 -18.06 13.35
N LEU A 126 -3.37 -18.28 12.08
CA LEU A 126 -3.64 -17.21 11.06
C LEU A 126 -5.16 -17.01 10.89
N LEU A 127 -5.95 -18.10 11.04
CA LEU A 127 -7.39 -17.95 10.91
C LEU A 127 -7.99 -17.11 12.04
N GLU A 128 -7.56 -17.38 13.27
CA GLU A 128 -7.96 -16.50 14.39
C GLU A 128 -7.61 -15.06 14.20
N ALA A 129 -6.40 -14.77 13.72
CA ALA A 129 -6.01 -13.41 13.52
C ALA A 129 -6.89 -12.82 12.43
N TYR A 130 -7.10 -13.59 11.35
CA TYR A 130 -7.98 -13.12 10.24
C TYR A 130 -9.40 -12.76 10.81
N ASP A 131 -9.97 -13.72 11.54
CA ASP A 131 -11.31 -13.49 12.15
C ASP A 131 -11.31 -12.22 13.02
N LEU A 132 -10.27 -12.10 13.85
CA LEU A 132 -10.20 -10.93 14.69
C LEU A 132 -10.16 -9.60 13.83
N TRP A 133 -9.43 -9.60 12.73
CA TRP A 133 -9.36 -8.41 11.92
C TRP A 133 -10.72 -8.15 11.26
N ARG A 134 -11.42 -9.21 10.77
CA ARG A 134 -12.69 -8.96 10.07
C ARG A 134 -13.74 -8.39 11.11
N LYS A 135 -13.75 -8.97 12.32
CA LYS A 135 -14.67 -8.48 13.38
C LYS A 135 -14.43 -7.03 13.76
N THR A 136 -13.18 -6.61 13.74
CA THR A 136 -12.81 -5.27 14.13
C THR A 136 -13.16 -4.35 12.98
N ALA A 137 -12.86 -4.77 11.75
CA ALA A 137 -12.99 -3.83 10.61
C ALA A 137 -14.38 -3.76 9.98
N ASP A 138 -15.02 -4.90 9.83
CA ASP A 138 -16.34 -4.92 9.20
C ASP A 138 -17.33 -3.84 9.70
N PRO A 139 -17.52 -3.68 11.03
CA PRO A 139 -18.54 -2.69 11.53
C PRO A 139 -18.01 -1.26 11.45
N LYS A 140 -16.73 -1.06 11.15
CA LYS A 140 -16.16 0.27 11.16
C LYS A 140 -15.76 0.90 9.82
N VAL A 141 -15.34 0.10 8.87
CA VAL A 141 -14.84 0.67 7.61
C VAL A 141 -15.89 1.49 6.93
N CYS A 142 -15.46 2.62 6.39
CA CYS A 142 -16.34 3.51 5.65
C CYS A 142 -16.11 3.37 4.17
N CYS A 143 -15.09 2.63 3.79
CA CYS A 143 -14.89 2.29 2.35
C CYS A 143 -14.57 0.84 2.24
N ASP A 144 -14.57 0.30 1.01
CA ASP A 144 -14.22 -1.09 0.85
C ASP A 144 -12.79 -1.38 1.32
N TYR A 145 -12.51 -2.65 1.59
CA TYR A 145 -11.18 -3.02 2.02
C TYR A 145 -10.99 -4.48 1.81
N SER A 146 -9.73 -4.90 1.90
CA SER A 146 -9.42 -6.28 1.99
C SER A 146 -8.18 -6.45 2.87
N LEU A 147 -7.68 -7.67 2.98
CA LEU A 147 -6.64 -8.01 3.93
C LEU A 147 -5.50 -8.83 3.34
N HIS A 148 -4.29 -8.57 3.83
CA HIS A 148 -3.15 -9.50 3.57
C HIS A 148 -2.94 -10.23 4.88
N VAL A 149 -2.37 -11.45 4.86
CA VAL A 149 -2.14 -12.12 6.13
C VAL A 149 -0.64 -12.38 6.32
N ALA A 150 -0.10 -11.93 7.46
CA ALA A 150 1.30 -12.14 7.78
C ALA A 150 1.56 -13.54 8.22
N VAL A 151 2.61 -14.17 7.67
CA VAL A 151 2.99 -15.51 8.01
C VAL A 151 4.28 -15.31 8.85
N THR A 152 4.10 -15.34 10.17
CA THR A 152 5.18 -14.95 11.09
C THR A 152 5.76 -16.12 11.82
N TRP A 153 5.41 -17.32 11.39
CA TRP A 153 6.02 -18.56 11.86
C TRP A 153 5.57 -19.62 10.88
N TRP A 154 6.10 -20.84 11.02
CA TRP A 154 5.96 -21.88 10.00
C TRP A 154 5.69 -23.18 10.64
N SER A 155 4.72 -23.90 10.10
CA SER A 155 4.41 -25.25 10.58
C SER A 155 3.29 -25.83 9.72
N ASP A 156 2.98 -27.11 9.97
CA ASP A 156 1.96 -27.79 9.19
C ASP A 156 0.65 -27.01 9.26
N GLU A 157 0.38 -26.47 10.45
CA GLU A 157 -0.85 -25.78 10.74
C GLU A 157 -0.88 -24.48 9.90
N VAL A 158 0.22 -23.74 9.91
CA VAL A 158 0.24 -22.48 9.14
C VAL A 158 0.04 -22.83 7.65
N LYS A 159 0.69 -23.89 7.21
CA LYS A 159 0.52 -24.41 5.87
C LYS A 159 -0.96 -24.65 5.52
N ASP A 160 -1.66 -25.36 6.39
CA ASP A 160 -3.09 -25.60 6.15
C ASP A 160 -3.88 -24.29 6.16
N GLU A 161 -3.61 -23.43 7.13
CA GLU A 161 -4.34 -22.24 7.24
C GLU A 161 -4.17 -21.29 6.04
N MET A 162 -2.96 -21.27 5.52
CA MET A 162 -2.73 -20.48 4.30
C MET A 162 -3.61 -20.98 3.14
N ARG A 163 -3.69 -22.30 2.95
CA ARG A 163 -4.62 -22.85 1.90
C ARG A 163 -6.06 -22.43 2.14
N THR A 164 -6.50 -22.54 3.39
CA THR A 164 -7.88 -22.15 3.68
C THR A 164 -8.09 -20.66 3.41
N LEU A 165 -7.13 -19.82 3.81
CA LEU A 165 -7.22 -18.40 3.59
C LEU A 165 -7.32 -18.07 2.13
N ALA A 166 -6.44 -18.68 1.37
CA ALA A 166 -6.44 -18.45 -0.07
C ALA A 166 -7.73 -18.97 -0.78
N GLN A 167 -8.22 -20.17 -0.40
CA GLN A 167 -9.37 -20.79 -1.14
C GLN A 167 -10.71 -20.35 -0.66
N GLU A 168 -10.82 -19.97 0.62
CA GLU A 168 -12.16 -19.71 1.20
C GLU A 168 -12.34 -18.33 1.81
N ARG A 169 -11.24 -17.64 2.19
CA ARG A 169 -11.36 -16.39 2.99
C ARG A 169 -11.03 -15.16 2.21
N GLY A 170 -10.77 -15.35 0.94
CA GLY A 170 -10.67 -14.20 0.04
C GLY A 170 -9.32 -13.50 0.11
N VAL A 171 -8.29 -14.18 0.58
CA VAL A 171 -6.94 -13.60 0.73
C VAL A 171 -5.94 -14.27 -0.22
N ASN A 172 -5.35 -13.49 -1.14
CA ASN A 172 -4.34 -14.13 -1.99
C ASN A 172 -2.92 -13.54 -1.76
N SER A 173 -2.70 -12.91 -0.62
CA SER A 173 -1.41 -12.24 -0.37
C SER A 173 -1.00 -12.54 1.06
N PHE A 174 0.19 -13.09 1.22
CA PHE A 174 0.78 -13.36 2.51
C PHE A 174 2.07 -12.60 2.70
N KCX A 175 2.24 -12.14 3.92
CA KCX A 175 3.34 -11.16 4.23
CB KCX A 175 2.75 -9.95 4.92
CG KCX A 175 3.73 -9.04 5.63
CD KCX A 175 4.55 -8.34 4.60
CE KCX A 175 5.23 -7.20 5.37
NZ KCX A 175 4.35 -6.12 5.75
C KCX A 175 4.36 -11.79 5.11
O KCX A 175 4.03 -12.37 6.23
CX KCX A 175 4.74 -5.01 6.33
OQ1 KCX A 175 3.96 -4.12 6.62
OQ2 KCX A 175 6.03 -4.99 6.63
N MET A 176 5.58 -11.79 4.62
CA MET A 176 6.67 -12.36 5.43
C MET A 176 7.73 -11.31 5.80
N PHE A 177 8.35 -11.52 6.97
CA PHE A 177 9.34 -10.60 7.49
C PHE A 177 10.75 -11.16 7.49
N MET A 178 11.69 -10.41 6.93
CA MET A 178 13.12 -10.69 7.09
C MET A 178 13.76 -9.82 8.25
N ALA A 179 13.03 -8.82 8.72
CA ALA A 179 13.45 -8.01 9.87
C ALA A 179 12.68 -8.48 11.12
N TYR A 180 12.74 -7.69 12.20
CA TYR A 180 12.03 -8.01 13.48
C TYR A 180 12.52 -9.34 14.06
N LYS A 181 13.81 -9.42 14.32
CA LYS A 181 14.41 -10.64 14.86
C LYS A 181 13.73 -10.99 16.20
N GLY A 182 13.41 -12.26 16.47
CA GLY A 182 12.76 -12.59 17.72
C GLY A 182 11.28 -12.40 17.68
N LEU A 183 10.76 -11.62 16.73
CA LEU A 183 9.39 -11.26 16.74
C LEU A 183 8.63 -11.83 15.50
N PHE A 184 9.01 -11.42 14.27
CA PHE A 184 8.30 -11.86 13.08
C PHE A 184 9.27 -12.56 12.08
N MET A 185 10.58 -12.41 12.29
CA MET A 185 11.55 -12.84 11.35
C MET A 185 11.52 -14.33 10.96
N LEU A 186 11.72 -14.60 9.69
CA LEU A 186 11.88 -15.96 9.20
C LEU A 186 13.28 -16.05 8.53
N ARG A 187 13.93 -17.20 8.67
CA ARG A 187 15.27 -17.47 8.09
C ARG A 187 15.09 -17.97 6.65
N ASP A 188 16.21 -18.00 5.90
CA ASP A 188 16.14 -18.31 4.49
C ASP A 188 15.45 -19.66 4.23
N ASP A 189 15.74 -20.67 5.05
CA ASP A 189 15.10 -22.01 4.80
C ASP A 189 13.58 -21.94 4.98
N GLU A 190 13.13 -21.16 5.95
CA GLU A 190 11.71 -21.02 6.17
C GLU A 190 11.07 -20.17 5.05
N LEU A 191 11.73 -19.10 4.62
CA LEU A 191 11.20 -18.31 3.50
C LEU A 191 11.05 -19.17 2.23
N TYR A 192 12.07 -19.98 1.93
CA TYR A 192 11.97 -20.93 0.86
C TYR A 192 10.68 -21.78 0.96
N ALA A 193 10.43 -22.38 2.12
CA ALA A 193 9.29 -23.21 2.28
C ALA A 193 8.00 -22.38 2.14
N VAL A 194 7.96 -21.22 2.80
CA VAL A 194 6.83 -20.39 2.79
C VAL A 194 6.54 -19.91 1.41
N PHE A 195 7.58 -19.44 0.71
CA PHE A 195 7.39 -19.01 -0.68
C PHE A 195 6.92 -20.19 -1.54
N SER A 196 7.50 -21.38 -1.36
CA SER A 196 7.00 -22.55 -2.11
C SER A 196 5.50 -22.79 -1.95
N HIS A 197 4.99 -22.59 -0.75
CA HIS A 197 3.62 -22.91 -0.48
C HIS A 197 2.72 -21.78 -0.97
N CYS A 198 3.21 -20.53 -0.95
CA CYS A 198 2.49 -19.42 -1.58
C CYS A 198 2.22 -19.77 -3.01
N LYS A 199 3.26 -20.26 -3.74
CA LYS A 199 3.10 -20.62 -5.12
C LYS A 199 2.06 -21.74 -5.28
N GLU A 200 2.15 -22.75 -4.41
CA GLU A 200 1.15 -23.85 -4.46
C GLU A 200 -0.26 -23.35 -4.29
N VAL A 201 -0.53 -22.38 -3.43
CA VAL A 201 -1.94 -21.98 -3.20
C VAL A 201 -2.33 -20.81 -4.10
N GLY A 202 -1.41 -20.36 -4.97
CA GLY A 202 -1.76 -19.22 -5.91
C GLY A 202 -1.83 -17.88 -5.21
N ALA A 203 -1.00 -17.70 -4.15
CA ALA A 203 -0.92 -16.42 -3.44
C ALA A 203 0.29 -15.67 -3.92
N ILE A 204 0.31 -14.37 -3.69
CA ILE A 204 1.56 -13.63 -3.90
C ILE A 204 2.31 -13.53 -2.58
N ALA A 205 3.62 -13.65 -2.63
CA ALA A 205 4.47 -13.47 -1.42
C ALA A 205 4.88 -12.02 -1.25
N GLN A 206 4.42 -11.35 -0.17
CA GLN A 206 4.94 -10.00 0.14
C GLN A 206 6.08 -10.11 1.16
N VAL A 207 7.10 -9.25 1.05
CA VAL A 207 8.21 -9.36 2.07
C VAL A 207 8.54 -8.00 2.60
N HIS A 208 8.72 -7.96 3.93
CA HIS A 208 9.45 -6.80 4.53
C HIS A 208 10.93 -7.14 4.44
N ALA A 209 11.63 -6.47 3.52
CA ALA A 209 12.97 -6.87 3.15
C ALA A 209 14.02 -5.96 3.84
N GLU A 210 14.35 -6.28 5.10
CA GLU A 210 15.61 -5.76 5.72
C GLU A 210 16.27 -6.90 6.48
N ASN A 211 17.61 -6.83 6.62
CA ASN A 211 18.31 -7.88 7.29
C ASN A 211 18.12 -7.69 8.83
N GLY A 212 17.29 -8.53 9.43
CA GLY A 212 16.97 -8.36 10.85
C GLY A 212 18.21 -8.60 11.77
N ASP A 213 19.15 -9.43 11.37
CA ASP A 213 20.40 -9.63 12.19
C ASP A 213 21.26 -8.37 12.22
N LEU A 214 21.39 -7.72 11.07
CA LEU A 214 22.13 -6.43 11.02
C LEU A 214 21.41 -5.34 11.83
N ILE A 215 20.08 -5.27 11.72
CA ILE A 215 19.32 -4.26 12.48
C ILE A 215 19.55 -4.48 14.00
N ALA A 216 19.49 -5.74 14.42
CA ALA A 216 19.58 -6.01 15.82
C ALA A 216 20.97 -5.60 16.32
N GLU A 217 22.02 -6.00 15.57
CA GLU A 217 23.38 -5.59 15.96
C GLU A 217 23.58 -4.09 15.85
N GLY A 218 22.97 -3.52 14.84
CA GLY A 218 23.14 -2.11 14.53
C GLY A 218 22.64 -1.24 15.69
N ALA A 219 21.43 -1.53 16.11
CA ALA A 219 20.77 -0.74 17.14
C ALA A 219 21.55 -0.87 18.48
N LYS A 220 21.96 -2.11 18.78
CA LYS A 220 22.73 -2.36 20.00
C LYS A 220 23.94 -1.45 19.97
N LYS A 221 24.55 -1.33 18.82
CA LYS A 221 25.77 -0.53 18.69
C LYS A 221 25.50 0.96 18.80
N MET A 222 24.44 1.43 18.15
CA MET A 222 24.11 2.86 18.21
C MET A 222 23.82 3.27 19.69
N LEU A 223 23.06 2.45 20.39
CA LEU A 223 22.74 2.76 21.81
C LEU A 223 24.02 2.81 22.67
N SER A 224 24.88 1.79 22.52
CA SER A 224 26.17 1.78 23.29
C SER A 224 27.01 3.04 23.00
N LEU A 225 26.85 3.62 21.81
CA LEU A 225 27.59 4.85 21.52
C LEU A 225 26.82 6.05 21.99
N GLY A 226 25.72 5.88 22.74
CA GLY A 226 24.94 7.03 23.23
C GLY A 226 24.20 7.78 22.15
N ILE A 227 23.96 7.16 21.01
CA ILE A 227 23.11 7.75 19.95
C ILE A 227 21.68 7.21 20.10
N THR A 228 20.86 7.90 20.90
CA THR A 228 19.58 7.35 21.32
C THR A 228 18.44 8.00 20.56
N GLY A 229 18.73 9.06 19.82
CA GLY A 229 17.82 9.84 19.06
C GLY A 229 17.44 9.12 17.78
N PRO A 230 16.50 9.71 17.05
CA PRO A 230 16.00 9.05 15.82
C PRO A 230 17.08 8.89 14.76
N GLU A 231 18.12 9.74 14.77
CA GLU A 231 19.20 9.54 13.81
C GLU A 231 19.85 8.16 14.03
N GLY A 232 19.78 7.66 15.26
CA GLY A 232 20.28 6.34 15.58
C GLY A 232 19.46 5.27 14.86
N HIS A 233 18.16 5.50 14.78
CA HIS A 233 17.25 4.55 14.08
C HIS A 233 17.66 4.36 12.63
N GLU A 234 17.92 5.47 11.92
CA GLU A 234 18.38 5.34 10.51
C GLU A 234 19.81 4.78 10.41
N LEU A 235 20.75 5.32 11.21
CA LEU A 235 22.11 4.85 11.19
C LEU A 235 22.33 3.37 11.52
N CYS A 236 21.45 2.78 12.32
CA CYS A 236 21.61 1.36 12.63
C CYS A 236 21.18 0.43 11.48
N ARG A 237 20.51 0.97 10.47
CA ARG A 237 20.01 0.10 9.37
C ARG A 237 19.97 0.92 8.06
N PRO A 238 21.15 1.36 7.60
CA PRO A 238 21.23 2.23 6.42
C PRO A 238 20.75 1.39 5.19
N GLU A 239 20.66 2.00 4.01
CA GLU A 239 19.99 1.34 2.91
C GLU A 239 20.62 0.06 2.39
N ALA A 240 21.95 -0.12 2.58
CA ALA A 240 22.54 -1.41 2.28
C ALA A 240 21.81 -2.56 2.93
N VAL A 241 21.29 -2.34 4.15
CA VAL A 241 20.65 -3.42 4.90
C VAL A 241 19.29 -3.82 4.26
N GLU A 242 18.59 -2.83 3.70
CA GLU A 242 17.38 -3.05 2.93
C GLU A 242 17.72 -3.71 1.57
N ALA A 243 18.73 -3.17 0.85
CA ALA A 243 19.05 -3.72 -0.46
C ALA A 243 19.49 -5.16 -0.42
N GLU A 244 20.25 -5.51 0.62
CA GLU A 244 20.71 -6.86 0.78
C GLU A 244 19.49 -7.81 0.88
N ALA A 245 18.62 -7.56 1.81
CA ALA A 245 17.49 -8.49 2.06
C ALA A 245 16.53 -8.49 0.81
N THR A 246 16.42 -7.35 0.15
CA THR A 246 15.57 -7.32 -1.04
C THR A 246 16.12 -8.36 -2.08
N GLN A 247 17.43 -8.36 -2.33
CA GLN A 247 18.03 -9.26 -3.33
C GLN A 247 17.87 -10.70 -2.88
N ARG A 248 18.09 -10.85 -1.58
CA ARG A 248 17.97 -12.21 -1.05
C ARG A 248 16.55 -12.79 -1.26
N ALA A 249 15.55 -11.96 -0.99
CA ALA A 249 14.12 -12.39 -1.13
C ALA A 249 13.84 -12.73 -2.57
N ILE A 250 14.28 -11.85 -3.47
CA ILE A 250 14.10 -12.12 -4.90
C ILE A 250 14.76 -13.44 -5.32
N THR A 251 15.96 -13.72 -4.79
CA THR A 251 16.66 -14.91 -5.16
C THR A 251 16.01 -16.16 -4.70
N ILE A 252 15.56 -16.17 -3.46
CA ILE A 252 14.86 -17.31 -2.96
C ILE A 252 13.54 -17.47 -3.76
N ALA A 253 12.83 -16.38 -3.99
CA ALA A 253 11.55 -16.53 -4.68
C ALA A 253 11.81 -17.00 -6.13
N SER A 254 12.88 -16.53 -6.74
CA SER A 254 13.19 -16.96 -8.10
C SER A 254 13.52 -18.48 -8.09
N ALA A 255 14.20 -18.96 -7.07
CA ALA A 255 14.54 -20.34 -6.99
C ALA A 255 13.27 -21.26 -6.95
N VAL A 256 12.17 -20.80 -6.32
CA VAL A 256 10.98 -21.66 -6.26
C VAL A 256 9.94 -21.23 -7.28
N ASN A 257 10.29 -20.29 -8.16
CA ASN A 257 9.32 -19.74 -9.09
C ASN A 257 8.06 -19.22 -8.42
N CYS A 258 8.21 -18.50 -7.29
CA CYS A 258 7.07 -17.87 -6.58
C CYS A 258 7.07 -16.35 -6.86
N PRO A 259 5.94 -15.79 -7.25
CA PRO A 259 5.83 -14.33 -7.49
C PRO A 259 6.06 -13.57 -6.15
N LEU A 260 6.74 -12.47 -6.23
CA LEU A 260 7.16 -11.75 -5.01
C LEU A 260 6.77 -10.28 -5.08
N TYR A 261 6.44 -9.75 -3.90
CA TYR A 261 6.04 -8.35 -3.78
C TYR A 261 6.83 -7.71 -2.65
N VAL A 262 7.62 -6.68 -2.96
CA VAL A 262 8.46 -6.02 -1.92
C VAL A 262 7.71 -4.78 -1.41
N VAL A 263 7.28 -4.84 -0.17
CA VAL A 263 6.44 -3.76 0.41
C VAL A 263 7.38 -2.62 0.85
N HIS A 264 6.82 -1.42 0.91
CA HIS A 264 7.55 -0.20 1.38
C HIS A 264 9.01 -0.17 0.96
N VAL A 265 9.22 0.04 -0.33
CA VAL A 265 10.58 0.27 -0.81
C VAL A 265 10.95 1.69 -0.40
N MET A 266 11.99 1.83 0.41
CA MET A 266 12.32 3.16 0.94
C MET A 266 13.58 3.76 0.33
N SER A 267 14.43 2.97 -0.36
CA SER A 267 15.75 3.51 -0.70
C SER A 267 16.06 3.29 -2.15
N LYS A 268 16.94 4.15 -2.68
CA LYS A 268 17.43 4.01 -4.04
C LYS A 268 18.05 2.63 -4.30
N SER A 269 18.89 2.19 -3.38
CA SER A 269 19.60 0.94 -3.67
C SER A 269 18.59 -0.24 -3.67
N ALA A 270 17.62 -0.27 -2.75
CA ALA A 270 16.67 -1.37 -2.78
C ALA A 270 15.82 -1.27 -4.01
N ALA A 271 15.45 -0.04 -4.43
CA ALA A 271 14.69 0.10 -5.63
C ALA A 271 15.45 -0.40 -6.84
N ASP A 272 16.76 -0.15 -6.85
CA ASP A 272 17.57 -0.66 -7.94
C ASP A 272 17.64 -2.18 -7.99
N VAL A 273 17.67 -2.85 -6.81
CA VAL A 273 17.61 -4.32 -6.84
C VAL A 273 16.35 -4.81 -7.55
N VAL A 274 15.23 -4.20 -7.20
CA VAL A 274 13.94 -4.59 -7.80
C VAL A 274 13.94 -4.31 -9.28
N SER A 275 14.47 -3.14 -9.63
CA SER A 275 14.50 -2.74 -11.05
C SER A 275 15.33 -3.77 -11.88
N LYS A 276 16.52 -4.13 -11.38
CA LYS A 276 17.41 -5.07 -12.06
C LYS A 276 16.72 -6.46 -12.20
N ALA A 277 16.11 -6.91 -11.10
CA ALA A 277 15.49 -8.25 -11.12
C ALA A 277 14.37 -8.29 -12.14
N ARG A 278 13.58 -7.22 -12.28
CA ARG A 278 12.49 -7.24 -13.25
C ARG A 278 13.03 -7.24 -14.68
N LYS A 279 14.03 -6.38 -14.93
CA LYS A 279 14.67 -6.37 -16.25
C LYS A 279 15.19 -7.76 -16.60
N ASP A 280 15.57 -8.47 -15.54
CA ASP A 280 16.10 -9.80 -15.69
C ASP A 280 14.90 -10.82 -15.75
N GLY A 281 13.68 -10.35 -15.76
CA GLY A 281 12.56 -11.23 -16.05
C GLY A 281 12.08 -11.90 -14.76
N ARG A 282 12.55 -11.48 -13.59
CA ARG A 282 12.02 -12.06 -12.34
C ARG A 282 10.62 -11.51 -12.07
N VAL A 283 9.73 -12.40 -11.58
CA VAL A 283 8.34 -11.95 -11.27
C VAL A 283 8.37 -11.29 -9.87
N VAL A 284 8.62 -9.97 -9.87
CA VAL A 284 8.67 -9.28 -8.60
C VAL A 284 8.08 -7.88 -8.82
N PHE A 285 7.41 -7.39 -7.79
CA PHE A 285 6.80 -6.06 -7.83
C PHE A 285 7.34 -5.25 -6.64
N GLY A 286 7.60 -3.97 -6.89
CA GLY A 286 8.10 -3.06 -5.82
C GLY A 286 7.04 -1.97 -5.50
N GLU A 287 6.82 -1.76 -4.21
CA GLU A 287 5.81 -0.82 -3.76
C GLU A 287 6.49 0.27 -2.89
N PRO A 288 6.84 1.43 -3.48
CA PRO A 288 7.18 2.58 -2.65
C PRO A 288 5.91 3.06 -1.91
N ILE A 289 6.09 3.87 -0.85
CA ILE A 289 4.91 4.41 -0.16
C ILE A 289 4.96 5.92 -0.18
N ALA A 290 3.83 6.50 0.19
CA ALA A 290 3.77 7.99 0.12
C ALA A 290 4.95 8.68 0.86
N ALA A 291 5.25 8.15 2.05
CA ALA A 291 6.36 8.68 2.85
C ALA A 291 7.64 8.74 1.98
N SER A 292 8.01 7.62 1.33
CA SER A 292 9.29 7.56 0.61
C SER A 292 9.18 8.29 -0.71
N LEU A 293 7.97 8.65 -1.10
CA LEU A 293 7.82 9.43 -2.34
C LEU A 293 7.74 10.95 -2.10
N GLY A 294 7.47 11.33 -0.87
CA GLY A 294 7.06 12.71 -0.56
C GLY A 294 7.98 13.40 0.46
N THR A 295 8.86 12.66 1.15
CA THR A 295 9.76 13.33 2.08
C THR A 295 11.02 12.49 2.17
N ASP A 296 11.95 12.82 3.09
CA ASP A 296 13.18 12.04 3.25
C ASP A 296 13.60 11.88 4.71
N GLY A 297 14.72 11.17 4.94
CA GLY A 297 15.13 10.87 6.29
C GLY A 297 16.05 11.94 6.94
N THR A 298 16.34 13.03 6.24
CA THR A 298 17.12 14.15 6.89
C THR A 298 16.34 14.58 8.16
N ASN A 299 15.00 14.42 8.16
CA ASN A 299 14.22 14.77 9.36
C ASN A 299 14.60 14.06 10.66
N TYR A 300 15.29 12.92 10.55
CA TYR A 300 15.72 12.23 11.77
C TYR A 300 16.84 13.03 12.48
N TRP A 301 17.42 13.96 11.76
CA TRP A 301 18.54 14.73 12.32
C TRP A 301 18.06 16.07 12.82
N HIS A 302 16.75 16.31 12.81
CA HIS A 302 16.17 17.60 13.32
C HIS A 302 16.49 17.80 14.78
N LYS A 303 16.83 19.05 15.12
CA LYS A 303 17.16 19.41 16.50
C LYS A 303 15.99 19.15 17.46
N ASP A 304 14.76 19.30 16.98
CA ASP A 304 13.57 18.99 17.81
C ASP A 304 13.31 17.47 17.82
N TRP A 305 13.45 16.84 18.98
CA TRP A 305 13.28 15.39 19.06
C TRP A 305 11.91 14.98 18.60
N ALA A 306 10.85 15.73 18.99
CA ALA A 306 9.49 15.28 18.65
C ALA A 306 9.36 15.24 17.12
N HIS A 307 9.86 16.27 16.46
CA HIS A 307 9.76 16.38 15.03
C HIS A 307 10.42 15.14 14.37
N ALA A 308 11.65 14.85 14.76
CA ALA A 308 12.42 13.73 14.21
C ALA A 308 11.68 12.41 14.41
N ALA A 309 11.15 12.17 15.61
CA ALA A 309 10.50 10.89 15.91
C ALA A 309 9.24 10.66 15.04
N GLN A 310 8.67 11.73 14.52
CA GLN A 310 7.45 11.64 13.73
C GLN A 310 7.72 10.74 12.52
N TYR A 311 8.97 10.73 12.02
CA TYR A 311 9.31 10.04 10.75
C TYR A 311 9.78 8.61 10.93
N VAL A 312 9.96 8.18 12.16
CA VAL A 312 10.51 6.91 12.44
C VAL A 312 9.52 5.80 12.02
N MET A 313 10.02 4.91 11.15
CA MET A 313 9.33 3.68 10.70
C MET A 313 10.44 2.77 10.13
N GLY A 314 10.11 1.48 9.97
CA GLY A 314 11.03 0.53 9.37
C GLY A 314 10.48 0.05 8.04
N PRO A 315 11.33 0.08 6.96
CA PRO A 315 12.69 0.63 6.97
C PRO A 315 12.58 2.14 7.07
N PRO A 316 13.68 2.81 7.48
CA PRO A 316 13.64 4.22 7.65
C PRO A 316 13.68 4.97 6.33
N LEU A 317 13.21 6.20 6.37
CA LEU A 317 13.38 7.14 5.26
C LEU A 317 14.85 7.47 5.19
N ARG A 318 15.36 7.84 4.01
CA ARG A 318 16.82 7.89 3.84
C ARG A 318 17.31 9.35 3.76
N PRO A 319 18.48 9.61 4.34
CA PRO A 319 19.06 10.96 4.44
C PRO A 319 19.58 11.45 3.10
N ASP A 320 19.54 10.64 2.05
CA ASP A 320 19.94 11.17 0.72
C ASP A 320 18.72 11.84 0.09
N PRO A 321 18.75 13.18 -0.03
CA PRO A 321 17.61 14.01 -0.47
C PRO A 321 17.16 13.69 -1.87
N SER A 322 17.96 12.93 -2.62
CA SER A 322 17.59 12.64 -4.02
C SER A 322 16.65 11.38 -4.05
N THR A 323 16.50 10.70 -2.89
CA THR A 323 15.74 9.50 -2.82
C THR A 323 14.28 9.60 -3.32
N PRO A 324 13.47 10.48 -2.74
CA PRO A 324 12.03 10.50 -3.12
C PRO A 324 11.88 10.79 -4.65
N GLY A 325 12.68 11.70 -5.19
CA GLY A 325 12.63 11.98 -6.63
C GLY A 325 13.00 10.72 -7.47
N TYR A 326 13.97 9.95 -6.97
CA TYR A 326 14.48 8.82 -7.73
C TYR A 326 13.38 7.71 -7.68
N LEU A 327 12.81 7.52 -6.50
CA LEU A 327 11.79 6.52 -6.38
C LEU A 327 10.60 6.90 -7.27
N MET A 328 10.31 8.22 -7.39
CA MET A 328 9.20 8.61 -8.25
C MET A 328 9.55 8.31 -9.73
N ASP A 329 10.83 8.54 -10.11
CA ASP A 329 11.25 8.24 -11.50
C ASP A 329 11.09 6.74 -11.78
N LEU A 330 11.41 5.89 -10.81
CA LEU A 330 11.34 4.42 -11.07
C LEU A 330 9.84 3.98 -11.07
N LEU A 331 9.03 4.65 -10.23
CA LEU A 331 7.57 4.42 -10.24
C LEU A 331 6.97 4.85 -11.60
N ALA A 332 7.48 5.97 -12.14
CA ALA A 332 6.99 6.43 -13.44
C ALA A 332 7.34 5.41 -14.54
N ASN A 333 8.55 4.81 -14.45
CA ASN A 333 9.06 3.94 -15.47
C ASN A 333 8.63 2.48 -15.25
N ASP A 334 7.86 2.20 -14.18
CA ASP A 334 7.50 0.79 -13.87
C ASP A 334 8.62 -0.15 -13.39
N ASP A 335 9.77 0.41 -12.97
CA ASP A 335 10.69 -0.37 -12.16
C ASP A 335 9.99 -0.67 -10.84
N LEU A 336 9.24 0.32 -10.39
CA LEU A 336 8.33 0.19 -9.25
C LEU A 336 6.90 0.34 -9.84
N THR A 337 5.94 -0.38 -9.21
CA THR A 337 4.70 -0.63 -9.89
C THR A 337 3.42 -0.02 -9.26
N LEU A 338 3.40 0.13 -7.94
CA LEU A 338 2.21 0.59 -7.28
C LEU A 338 2.57 1.13 -5.88
N THR A 339 1.57 1.78 -5.22
CA THR A 339 1.85 2.53 -3.99
C THR A 339 0.86 2.20 -2.89
N GLY A 340 1.39 2.26 -1.69
CA GLY A 340 0.57 2.24 -0.49
C GLY A 340 1.11 3.32 0.43
N THR A 341 0.74 3.25 1.74
CA THR A 341 1.22 4.27 2.64
C THR A 341 1.89 3.74 3.83
N ASP A 342 1.67 2.46 4.10
CA ASP A 342 2.12 1.87 5.37
C ASP A 342 1.58 2.73 6.50
N ASN A 343 0.36 3.21 6.35
CA ASN A 343 -0.23 4.09 7.38
C ASN A 343 -0.33 3.37 8.77
N CYS A 344 0.40 3.86 9.75
CA CYS A 344 0.47 3.16 11.04
C CYS A 344 0.81 4.24 12.05
N THR A 345 -0.23 4.95 12.46
CA THR A 345 0.03 6.25 13.08
C THR A 345 0.07 6.22 14.60
N PHE A 346 0.97 7.02 15.18
CA PHE A 346 1.06 7.16 16.63
C PHE A 346 1.14 8.63 16.99
N SER A 347 0.31 9.06 17.93
CA SER A 347 0.33 10.44 18.37
C SER A 347 1.69 10.90 18.92
N ARG A 348 1.85 12.21 19.00
CA ARG A 348 3.04 12.78 19.59
C ARG A 348 3.33 12.18 20.94
N CYS A 349 2.31 12.01 21.80
CA CYS A 349 2.65 11.44 23.14
C CYS A 349 2.97 9.96 23.12
N GLN A 350 2.45 9.25 22.11
CA GLN A 350 2.85 7.82 21.91
C GLN A 350 4.27 7.69 21.36
N LYS A 351 4.63 8.50 20.35
CA LYS A 351 6.01 8.49 19.85
C LYS A 351 7.01 8.71 20.99
N ALA A 352 6.60 9.59 21.95
CA ALA A 352 7.45 9.99 23.08
C ALA A 352 7.83 8.85 23.98
N LEU A 353 7.16 7.69 23.83
CA LEU A 353 7.61 6.48 24.52
C LEU A 353 9.08 6.16 24.30
N GLY A 354 9.68 6.67 23.23
CA GLY A 354 11.09 6.37 22.96
C GLY A 354 11.99 7.58 23.12
N LYS A 355 11.55 8.55 23.93
CA LYS A 355 12.34 9.82 24.17
C LYS A 355 13.79 9.54 24.51
N ASP A 356 14.03 8.48 25.24
CA ASP A 356 15.42 8.17 25.63
C ASP A 356 16.10 7.01 24.89
N ASP A 357 15.36 6.40 23.94
CA ASP A 357 15.82 5.16 23.30
C ASP A 357 14.99 4.91 22.01
N PHE A 358 15.61 5.11 20.85
CA PHE A 358 14.87 5.10 19.58
C PHE A 358 14.25 3.71 19.30
N THR A 359 14.78 2.66 19.92
CA THR A 359 14.23 1.33 19.71
C THR A 359 12.85 1.24 20.31
N ARG A 360 12.46 2.24 21.12
CA ARG A 360 11.12 2.23 21.74
C ARG A 360 10.16 3.23 21.14
N ILE A 361 10.59 3.97 20.12
CA ILE A 361 9.64 4.82 19.44
C ILE A 361 8.74 3.87 18.59
N PRO A 362 7.42 3.88 18.80
CA PRO A 362 6.55 3.05 17.95
C PRO A 362 6.75 3.46 16.49
N ASN A 363 7.01 2.46 15.66
CA ASN A 363 7.40 2.75 14.27
C ASN A 363 6.15 3.00 13.42
N GLY A 364 6.14 4.03 12.61
CA GLY A 364 5.04 4.17 11.66
C GLY A 364 4.76 5.60 11.41
N VAL A 365 4.38 5.92 10.16
CA VAL A 365 4.04 7.29 9.79
C VAL A 365 2.60 7.38 9.20
N ASN A 366 2.15 8.60 8.94
CA ASN A 366 0.85 8.80 8.27
C ASN A 366 1.03 8.72 6.72
N GLY A 367 -0.09 8.81 6.00
CA GLY A 367 -0.10 8.84 4.56
C GLY A 367 -1.45 8.52 3.94
N VAL A 368 -2.28 7.70 4.63
CA VAL A 368 -3.52 7.24 3.93
C VAL A 368 -4.29 8.35 3.28
N GLU A 369 -4.40 9.50 3.97
CA GLU A 369 -5.20 10.61 3.41
C GLU A 369 -4.48 11.35 2.31
N ASP A 370 -3.16 11.52 2.44
CA ASP A 370 -2.46 12.44 1.53
C ASP A 370 -1.80 11.79 0.31
N ARG A 371 -1.75 10.45 0.33
CA ARG A 371 -1.10 9.72 -0.75
C ARG A 371 -1.47 10.29 -2.13
N MET A 372 -2.76 10.37 -2.43
CA MET A 372 -3.13 10.77 -3.78
C MET A 372 -2.57 12.13 -4.18
N SER A 373 -2.74 13.13 -3.30
CA SER A 373 -2.24 14.49 -3.61
C SER A 373 -0.71 14.50 -3.64
N VAL A 374 -0.09 13.75 -2.75
CA VAL A 374 1.37 13.78 -2.70
C VAL A 374 1.93 13.21 -4.02
N ILE A 375 1.34 12.08 -4.47
CA ILE A 375 1.85 11.46 -5.66
C ILE A 375 1.54 12.35 -6.87
N TRP A 376 0.36 12.97 -6.87
CA TRP A 376 0.05 13.83 -8.04
C TRP A 376 1.04 15.00 -8.15
N GLU A 377 1.25 15.69 -7.04
CA GLU A 377 2.17 16.83 -6.98
C GLU A 377 3.61 16.39 -7.35
N LYS A 378 4.14 15.35 -6.68
CA LYS A 378 5.56 14.95 -6.88
C LYS A 378 5.72 14.16 -8.18
N GLY A 379 4.64 13.60 -8.71
CA GLY A 379 4.80 12.70 -9.92
C GLY A 379 4.21 13.25 -11.19
N VAL A 380 2.98 13.79 -11.13
CA VAL A 380 2.35 14.26 -12.38
C VAL A 380 2.66 15.72 -12.62
N HIS A 381 2.47 16.54 -11.58
CA HIS A 381 2.72 17.99 -11.74
C HIS A 381 4.16 18.22 -12.08
N SER A 382 5.03 17.36 -11.54
CA SER A 382 6.50 17.51 -11.77
C SER A 382 6.89 17.07 -13.17
N GLY A 383 5.96 16.49 -13.93
CA GLY A 383 6.35 15.98 -15.25
C GLY A 383 7.02 14.58 -15.30
N LYS A 384 7.05 13.86 -14.18
CA LYS A 384 7.70 12.51 -14.15
C LYS A 384 6.80 11.44 -14.74
N MET A 385 5.50 11.51 -14.47
CA MET A 385 4.57 10.52 -15.06
C MET A 385 3.29 11.21 -15.54
N ASP A 386 2.57 10.59 -16.49
CA ASP A 386 1.30 11.18 -16.93
C ASP A 386 0.13 10.76 -16.06
N GLU A 387 -1.04 11.37 -16.29
CA GLU A 387 -2.26 11.07 -15.44
C GLU A 387 -2.67 9.62 -15.53
N ASN A 388 -2.45 9.01 -16.70
CA ASN A 388 -2.82 7.60 -16.85
C ASN A 388 -1.87 6.72 -15.96
N ARG A 389 -0.55 7.01 -16.00
CA ARG A 389 0.35 6.18 -15.17
C ARG A 389 -0.05 6.44 -13.71
N PHE A 390 -0.53 7.65 -13.44
CA PHE A 390 -0.99 7.95 -12.07
C PHE A 390 -2.12 7.04 -11.63
N VAL A 391 -3.05 6.81 -12.55
CA VAL A 391 -4.14 5.86 -12.18
C VAL A 391 -3.58 4.46 -12.00
N ALA A 392 -2.70 4.04 -12.91
CA ALA A 392 -2.07 2.70 -12.77
C ALA A 392 -1.47 2.54 -11.41
N VAL A 393 -0.68 3.56 -10.93
CA VAL A 393 0.11 3.28 -9.72
C VAL A 393 -0.64 3.63 -8.45
N THR A 394 -1.84 4.22 -8.57
CA THR A 394 -2.68 4.47 -7.37
C THR A 394 -3.86 3.55 -7.25
N SER A 395 -4.30 2.88 -8.34
CA SER A 395 -5.42 1.91 -8.17
C SER A 395 -5.33 0.65 -9.06
N SER A 396 -5.12 0.86 -10.37
CA SER A 396 -5.26 -0.25 -11.33
C SER A 396 -4.31 -1.43 -11.00
N ASN A 397 -3.01 -1.15 -10.82
CA ASN A 397 -2.09 -2.22 -10.54
C ASN A 397 -2.41 -2.95 -9.28
N ALA A 398 -2.84 -2.20 -8.27
CA ALA A 398 -3.26 -2.94 -6.96
C ALA A 398 -4.38 -3.90 -7.30
N ALA A 399 -5.31 -3.43 -8.14
CA ALA A 399 -6.47 -4.30 -8.43
C ALA A 399 -5.97 -5.51 -9.24
N LYS A 400 -5.05 -5.28 -10.19
CA LYS A 400 -4.51 -6.39 -10.98
C LYS A 400 -3.79 -7.40 -10.13
N ILE A 401 -2.97 -6.92 -9.18
CA ILE A 401 -2.11 -7.90 -8.45
C ILE A 401 -2.96 -8.64 -7.44
N PHE A 402 -3.78 -7.91 -6.72
CA PHE A 402 -4.55 -8.50 -5.66
C PHE A 402 -5.89 -9.06 -6.19
N ASN A 403 -6.15 -8.99 -7.52
CA ASN A 403 -7.10 -9.84 -8.25
C ASN A 403 -8.58 -9.36 -8.20
N PHE A 404 -8.84 -8.08 -8.53
CA PHE A 404 -10.19 -7.58 -8.67
C PHE A 404 -10.19 -6.46 -9.68
N TYR A 405 -9.55 -6.68 -10.83
CA TYR A 405 -9.54 -5.71 -11.91
C TYR A 405 -10.25 -6.42 -13.01
N PRO A 406 -11.11 -5.72 -13.75
CA PRO A 406 -11.41 -4.29 -13.60
C PRO A 406 -12.64 -3.96 -12.72
N GLN A 407 -12.99 -4.84 -11.76
CA GLN A 407 -14.08 -4.53 -10.83
C GLN A 407 -13.74 -3.24 -10.11
N LYS A 408 -12.47 -3.05 -9.75
CA LYS A 408 -12.01 -1.74 -9.28
C LYS A 408 -10.84 -1.28 -10.17
N GLY A 409 -10.46 -0.03 -10.08
CA GLY A 409 -9.25 0.51 -10.80
C GLY A 409 -9.54 0.87 -12.20
N ARG A 410 -10.82 0.88 -12.57
CA ARG A 410 -11.17 1.28 -13.94
C ARG A 410 -12.56 1.94 -13.98
N ILE A 411 -12.68 3.01 -14.76
CA ILE A 411 -13.97 3.64 -14.95
C ILE A 411 -14.53 2.97 -16.19
N ALA A 412 -15.46 2.04 -16.01
CA ALA A 412 -16.01 1.31 -17.19
C ALA A 412 -17.28 0.66 -16.72
N LYS A 413 -18.16 0.40 -17.67
CA LYS A 413 -19.44 -0.28 -17.38
C LYS A 413 -19.24 -1.58 -16.63
N ASP A 414 -19.99 -1.80 -15.56
CA ASP A 414 -19.94 -3.03 -14.76
C ASP A 414 -18.94 -2.95 -13.65
N SER A 415 -18.08 -1.93 -13.64
CA SER A 415 -17.11 -1.81 -12.57
C SER A 415 -17.79 -1.21 -11.35
N ASP A 416 -17.13 -1.32 -10.20
CA ASP A 416 -17.68 -0.83 -8.96
C ASP A 416 -17.63 0.70 -9.05
N ALA A 417 -18.61 1.38 -8.45
CA ALA A 417 -18.67 2.83 -8.53
C ALA A 417 -17.82 3.39 -7.39
N ASP A 418 -16.48 3.23 -7.47
CA ASP A 418 -15.55 3.86 -6.52
C ASP A 418 -14.83 4.90 -7.33
N VAL A 419 -15.22 6.16 -7.19
CA VAL A 419 -14.85 7.10 -8.25
C VAL A 419 -14.49 8.41 -7.57
N VAL A 420 -13.47 9.07 -8.07
CA VAL A 420 -13.07 10.36 -7.49
C VAL A 420 -13.06 11.41 -8.58
N ILE A 421 -13.65 12.57 -8.25
CA ILE A 421 -13.58 13.72 -9.13
C ILE A 421 -12.44 14.53 -8.62
N TRP A 422 -11.48 14.76 -9.51
CA TRP A 422 -10.18 15.21 -9.16
C TRP A 422 -9.89 16.55 -9.85
N ASP A 423 -9.44 17.53 -9.07
CA ASP A 423 -9.03 18.81 -9.65
C ASP A 423 -7.47 18.88 -9.69
N PRO A 424 -6.90 18.77 -10.90
CA PRO A 424 -5.43 18.64 -10.99
C PRO A 424 -4.75 20.02 -10.93
N LYS A 425 -5.54 21.08 -11.08
CA LYS A 425 -4.99 22.43 -11.22
C LYS A 425 -4.93 23.20 -9.90
N THR A 426 -5.83 22.94 -8.97
CA THR A 426 -5.89 23.67 -7.72
C THR A 426 -4.92 22.98 -6.74
N THR A 427 -4.41 23.74 -5.79
CA THR A 427 -3.54 23.17 -4.79
C THR A 427 -4.24 23.08 -3.44
N ARG A 428 -3.72 22.26 -2.55
CA ARG A 428 -4.14 22.29 -1.18
C ARG A 428 -2.85 22.17 -0.37
N LYS A 429 -2.77 22.83 0.76
CA LYS A 429 -1.63 22.65 1.59
C LYS A 429 -1.97 21.59 2.63
N ILE A 430 -1.11 20.62 2.77
CA ILE A 430 -1.36 19.55 3.75
C ILE A 430 -0.96 20.04 5.13
N SER A 431 -1.83 19.83 6.12
CA SER A 431 -1.52 20.23 7.46
C SER A 431 -2.26 19.37 8.46
N ALA A 432 -1.57 18.99 9.54
CA ALA A 432 -2.25 18.28 10.63
C ALA A 432 -3.46 19.11 11.17
N GLN A 433 -3.52 20.39 10.80
CA GLN A 433 -4.62 21.27 11.30
C GLN A 433 -5.90 21.15 10.52
N THR A 434 -5.74 20.70 9.29
CA THR A 434 -6.87 20.53 8.45
C THR A 434 -7.13 19.05 8.02
N HIS A 435 -6.19 18.16 8.34
CA HIS A 435 -6.34 16.78 7.87
C HIS A 435 -7.34 16.00 8.68
N HIS A 436 -7.79 14.86 8.18
CA HIS A 436 -8.84 14.09 8.89
C HIS A 436 -8.32 12.92 9.61
N GLN A 437 -7.00 12.75 9.66
CA GLN A 437 -6.41 11.63 10.37
C GLN A 437 -6.44 11.89 11.84
N ALA A 438 -6.41 10.83 12.63
CA ALA A 438 -6.46 11.00 14.10
C ALA A 438 -5.10 11.52 14.59
N VAL A 439 -4.00 11.17 13.91
CA VAL A 439 -2.66 11.57 14.39
C VAL A 439 -2.54 13.13 14.47
N ASP A 440 -1.77 13.64 15.44
CA ASP A 440 -1.75 15.13 15.70
C ASP A 440 -0.52 15.77 15.03
N TYR A 441 0.08 15.10 14.05
CA TYR A 441 1.08 15.75 13.18
C TYR A 441 0.99 15.09 11.80
N ASN A 442 1.74 15.63 10.83
CA ASN A 442 1.68 15.11 9.47
C ASN A 442 3.09 15.23 8.86
N ILE A 443 3.67 14.10 8.40
CA ILE A 443 5.02 14.12 7.90
C ILE A 443 5.11 14.95 6.64
N PHE A 444 3.98 15.36 6.07
CA PHE A 444 4.05 16.19 4.86
C PHE A 444 3.61 17.64 5.24
N GLU A 445 3.59 17.92 6.54
CA GLU A 445 3.20 19.26 7.05
C GLU A 445 3.71 20.41 6.13
N GLY A 446 2.80 21.24 5.62
CA GLY A 446 3.23 22.40 4.85
C GLY A 446 3.30 22.15 3.37
N MET A 447 3.23 20.89 2.93
CA MET A 447 3.46 20.67 1.48
C MET A 447 2.28 21.20 0.67
N GLU A 448 2.58 21.98 -0.36
CA GLU A 448 1.57 22.49 -1.26
C GLU A 448 1.40 21.54 -2.44
N CYS A 449 0.28 20.82 -2.52
CA CYS A 449 0.14 19.85 -3.61
C CYS A 449 -0.86 20.30 -4.63
N HIS A 450 -0.49 20.26 -5.92
CA HIS A 450 -1.53 20.30 -6.95
C HIS A 450 -2.28 18.99 -6.90
N GLY A 451 -3.59 19.00 -7.19
CA GLY A 451 -4.32 17.73 -7.26
C GLY A 451 -5.18 17.57 -6.02
N VAL A 452 -6.47 17.89 -6.13
CA VAL A 452 -7.35 17.82 -4.97
C VAL A 452 -8.54 16.91 -5.27
N PRO A 453 -8.86 16.00 -4.32
CA PRO A 453 -10.11 15.23 -4.43
C PRO A 453 -11.26 16.18 -4.02
N VAL A 454 -12.07 16.58 -4.97
CA VAL A 454 -13.22 17.45 -4.72
C VAL A 454 -14.46 16.69 -4.34
N VAL A 455 -14.67 15.49 -4.95
CA VAL A 455 -15.80 14.64 -4.62
C VAL A 455 -15.33 13.17 -4.62
N THR A 456 -15.66 12.44 -3.58
CA THR A 456 -15.37 11.03 -3.52
C THR A 456 -16.64 10.19 -3.51
N VAL A 457 -16.76 9.25 -4.45
CA VAL A 457 -17.87 8.30 -4.49
C VAL A 457 -17.40 6.90 -4.10
N SER A 458 -18.11 6.29 -3.14
CA SER A 458 -17.66 4.95 -2.71
C SER A 458 -18.91 4.09 -2.69
N ARG A 459 -18.82 2.96 -3.36
CA ARG A 459 -19.93 2.02 -3.53
C ARG A 459 -21.13 2.76 -4.10
N GLY A 460 -20.91 3.69 -5.02
CA GLY A 460 -22.04 4.34 -5.64
C GLY A 460 -22.72 5.42 -4.78
N ARG A 461 -22.11 5.86 -3.67
CA ARG A 461 -22.65 6.95 -2.82
C ARG A 461 -21.64 8.08 -2.70
N VAL A 462 -22.11 9.33 -2.72
CA VAL A 462 -21.17 10.47 -2.46
C VAL A 462 -20.82 10.50 -0.99
N VAL A 463 -19.57 10.23 -0.64
CA VAL A 463 -19.20 10.10 0.76
C VAL A 463 -18.32 11.25 1.17
N TYR A 464 -17.92 12.07 0.18
CA TYR A 464 -17.08 13.23 0.47
C TYR A 464 -17.27 14.31 -0.57
N GLU A 465 -17.68 15.50 -0.13
CA GLU A 465 -17.87 16.65 -1.06
C GLU A 465 -17.94 17.96 -0.25
N GLU A 466 -17.53 19.04 -0.86
CA GLU A 466 -17.43 20.34 -0.20
C GLU A 466 -16.72 20.23 1.13
N GLY A 467 -15.58 19.55 1.13
CA GLY A 467 -14.78 19.42 2.31
C GLY A 467 -15.44 18.66 3.44
N ARG A 468 -16.61 18.09 3.19
CA ARG A 468 -17.27 17.38 4.27
C ARG A 468 -17.49 15.87 3.96
N LEU A 469 -17.32 15.06 4.98
CA LEU A 469 -17.55 13.65 4.91
C LEU A 469 -19.00 13.27 5.23
N LYS A 470 -19.57 12.31 4.49
CA LYS A 470 -20.91 11.86 4.73
C LYS A 470 -20.94 10.37 4.61
N VAL A 471 -20.59 9.66 5.69
CA VAL A 471 -20.42 8.24 5.55
C VAL A 471 -20.63 7.59 6.90
N SER A 472 -21.05 6.33 6.95
CA SER A 472 -21.29 5.67 8.22
C SER A 472 -20.33 4.51 8.38
N PRO A 473 -19.77 4.39 9.59
CA PRO A 473 -18.95 3.21 9.92
C PRO A 473 -19.71 1.92 9.56
N GLY A 474 -19.08 0.99 8.80
CA GLY A 474 -19.66 -0.23 8.36
C GLY A 474 -20.25 -0.17 6.97
N GLN A 475 -20.26 1.02 6.36
CA GLN A 475 -20.84 1.19 5.01
C GLN A 475 -19.95 0.43 3.99
N GLY A 476 -18.65 0.42 4.24
CA GLY A 476 -17.68 -0.30 3.38
C GLY A 476 -17.78 -1.83 3.50
N ARG A 477 -17.28 -2.52 2.47
CA ARG A 477 -17.37 -3.99 2.46
C ARG A 477 -16.01 -4.63 2.27
N PHE A 478 -15.85 -5.78 2.92
CA PHE A 478 -14.66 -6.59 2.69
C PHE A 478 -14.72 -7.19 1.27
N ILE A 479 -13.60 -7.13 0.52
CA ILE A 479 -13.62 -7.66 -0.85
C ILE A 479 -12.95 -9.04 -0.85
N HIS A 480 -13.71 -10.11 -1.16
CA HIS A 480 -13.18 -11.47 -1.17
C HIS A 480 -12.48 -11.71 -2.48
N ARG A 481 -11.21 -12.10 -2.46
CA ARG A 481 -10.49 -12.32 -3.76
C ARG A 481 -10.21 -13.80 -4.02
N GLN A 482 -10.01 -14.14 -5.27
CA GLN A 482 -9.64 -15.49 -5.64
C GLN A 482 -8.11 -15.54 -5.86
N PRO A 483 -7.51 -16.73 -5.65
CA PRO A 483 -6.09 -16.98 -5.89
C PRO A 483 -5.71 -17.03 -7.35
N PHE A 484 -4.43 -17.17 -7.63
CA PHE A 484 -3.95 -17.19 -9.02
C PHE A 484 -4.32 -16.00 -9.85
N SER A 485 -4.11 -14.82 -9.29
CA SER A 485 -4.28 -13.66 -10.04
C SER A 485 -3.51 -13.75 -11.37
N GLU A 486 -4.20 -13.55 -12.48
CA GLU A 486 -3.61 -13.77 -13.78
C GLU A 486 -2.47 -12.85 -14.03
N PHE A 487 -2.60 -11.60 -13.62
CA PHE A 487 -1.49 -10.60 -13.83
C PHE A 487 -0.22 -11.07 -13.15
N VAL A 488 -0.39 -11.78 -12.05
CA VAL A 488 0.76 -12.31 -11.26
C VAL A 488 1.27 -13.71 -11.73
N TYR A 489 0.36 -14.59 -12.18
CA TYR A 489 0.66 -16.03 -12.33
C TYR A 489 0.81 -16.53 -13.76
N LYS A 490 0.36 -15.77 -14.78
CA LYS A 490 0.38 -16.35 -16.14
C LYS A 490 1.80 -16.68 -16.62
N ARG A 491 2.76 -15.81 -16.29
CA ARG A 491 4.15 -16.13 -16.59
C ARG A 491 4.69 -17.28 -15.66
N ILE A 492 4.35 -17.22 -14.39
CA ILE A 492 4.83 -18.26 -13.45
C ILE A 492 4.41 -19.61 -14.06
N ARG A 493 3.11 -19.77 -14.41
CA ARG A 493 2.58 -21.08 -14.90
C ARG A 493 3.20 -21.51 -16.21
N GLN A 494 3.48 -20.56 -17.12
CA GLN A 494 4.09 -20.96 -18.37
C GLN A 494 5.55 -21.45 -18.11
N ARG A 495 6.23 -20.81 -17.17
CA ARG A 495 7.58 -21.23 -16.80
C ARG A 495 7.59 -22.63 -16.12
N ASP A 496 6.53 -22.93 -15.37
CA ASP A 496 6.41 -24.28 -14.79
C ASP A 496 6.34 -25.27 -15.98
N GLU A 497 5.70 -24.88 -17.07
CA GLU A 497 5.54 -25.79 -18.16
C GLU A 497 6.78 -25.90 -19.08
N VAL A 498 7.47 -24.81 -19.43
CA VAL A 498 8.67 -24.93 -20.27
C VAL A 498 10.02 -24.82 -19.58
N GLY A 499 10.08 -24.50 -18.30
CA GLY A 499 11.38 -24.19 -17.62
C GLY A 499 11.79 -25.33 -16.67
N LYS A 500 11.19 -26.50 -16.84
CA LYS A 500 11.59 -27.66 -16.01
C LYS A 500 13.03 -28.07 -16.39
N PRO A 501 13.90 -28.32 -15.38
CA PRO A 501 15.25 -28.77 -15.65
C PRO A 501 15.22 -30.17 -16.25
N ALA A 502 16.08 -30.43 -17.21
CA ALA A 502 16.19 -31.76 -17.82
C ALA A 502 17.51 -32.46 -17.45
N VAL A 503 17.44 -33.78 -17.36
CA VAL A 503 18.62 -34.63 -17.21
C VAL A 503 19.35 -34.79 -18.53
N VAL A 504 20.67 -34.98 -18.48
CA VAL A 504 21.44 -35.39 -19.68
C VAL A 504 21.36 -36.91 -19.72
N ILE A 505 21.08 -37.46 -20.90
CA ILE A 505 20.96 -38.92 -21.02
C ILE A 505 22.32 -39.49 -21.28
N ARG A 506 22.78 -40.37 -20.38
CA ARG A 506 24.10 -40.95 -20.46
C ARG A 506 24.10 -42.50 -20.37
N GLU A 507 25.08 -43.15 -21.00
CA GLU A 507 25.44 -44.51 -20.62
C GLU A 507 25.86 -44.59 -19.13
N PRO A 508 25.26 -45.53 -18.35
CA PRO A 508 25.36 -45.65 -16.87
C PRO A 508 26.72 -45.47 -16.22
O2 URP B . 7.21 1.59 10.72
C2 URP B . 6.67 0.61 10.30
N3 URP B . 7.49 -0.40 10.22
N1 URP B . 5.34 0.54 9.93
C6 URP B . 4.62 -0.72 9.98
C5 URP B . 5.36 -1.86 10.67
C4 URP B . 6.13 -2.67 9.61
O42 URP B . 5.49 -3.32 8.76
O41 URP B . 7.39 -2.68 9.56
ZN ZN C . 3.72 -2.14 6.85
ZN ZN D . 7.14 -3.51 7.00
#